data_9OHQ
#
_entry.id   9OHQ
#
_cell.length_a   46.040
_cell.length_b   70.130
_cell.length_c   78.740
_cell.angle_alpha   90.00
_cell.angle_beta   90.00
_cell.angle_gamma   90.00
#
_symmetry.space_group_name_H-M   'P 1 21 1'
#
loop_
_entity.id
_entity.type
_entity.pdbx_description
1 polymer 'Protein cereblon'
2 polymer 'Zinc finger protein Helios'
3 non-polymer (3S)-3-[(5M)-5-{1-methyl-4-[(pyrrolidin-1-yl)methyl]-1H-pyrrolo[2,3-b]pyridin-6-yl}-1-oxo-1,3-dihydro-2H-isoindol-2-yl]piperidine-2,6-dione
4 non-polymer 'ZINC ION'
5 water water
#
loop_
_entity_poly.entity_id
_entity_poly.type
_entity_poly.pdbx_seq_one_letter_code
_entity_poly.pdbx_strand_id
1 'polypeptide(L)'
;GPSTSLSCKQCQETEITTKNEIFSLSLSGPMAAYVNPHGYVHETLTVYKASNLNLIGRPSTEHSWFPGYAWTVAQCKICA
SHIGWKFTATKKDMSPQKFWGLTRSALLPTI
;
A,C,E,G
2 'polypeptide(L)' GGERPFHCNQCGASFTQKGNLLRHIKLHSG B,D,F,H
#
loop_
_chem_comp.id
_chem_comp.type
_chem_comp.name
_chem_comp.formula
A1CBH non-polymer (3S)-3-[(5M)-5-{1-methyl-4-[(pyrrolidin-1-yl)methyl]-1H-pyrrolo[2,3-b]pyridin-6-yl}-1-oxo-1,3-dihydro-2H-isoindol-2-yl]piperidine-2,6-dione 'C26 H27 N5 O3'
ZN non-polymer 'ZINC ION' 'Zn 2'
#
# COMPACT_ATOMS: atom_id res chain seq x y z
N SER A 3 29.90 -16.36 -2.64
CA SER A 3 30.03 -15.20 -3.55
C SER A 3 31.12 -14.26 -3.05
N THR A 4 31.69 -13.53 -4.01
CA THR A 4 32.79 -12.60 -3.81
C THR A 4 32.37 -11.56 -2.76
N SER A 5 33.29 -11.28 -1.85
CA SER A 5 33.10 -10.26 -0.85
C SER A 5 33.56 -8.92 -1.41
N LEU A 6 32.79 -7.87 -1.10
CA LEU A 6 33.16 -6.50 -1.41
C LEU A 6 33.50 -5.79 -0.11
N SER A 7 34.63 -5.07 -0.10
CA SER A 7 35.20 -4.44 1.07
C SER A 7 35.46 -2.97 0.80
N CYS A 8 35.62 -2.18 1.86
CA CYS A 8 35.98 -0.79 1.75
C CYS A 8 37.33 -0.64 1.03
N LYS A 9 37.36 0.14 -0.04
CA LYS A 9 38.57 0.36 -0.81
C LYS A 9 39.65 1.05 0.03
N GLN A 10 39.25 1.98 0.90
CA GLN A 10 40.19 2.80 1.65
C GLN A 10 40.93 1.98 2.70
N CYS A 11 40.21 1.16 3.50
CA CYS A 11 40.85 0.48 4.61
C CYS A 11 41.04 -1.02 4.36
N GLN A 12 40.18 -1.62 3.52
CA GLN A 12 40.10 -3.04 3.22
C GLN A 12 40.10 -3.90 4.48
N GLU A 13 39.45 -3.41 5.53
CA GLU A 13 39.39 -4.14 6.79
C GLU A 13 38.05 -4.85 6.95
N THR A 14 36.98 -4.42 6.26
CA THR A 14 35.67 -5.03 6.46
C THR A 14 35.08 -5.49 5.13
N GLU A 15 34.32 -6.58 5.23
CA GLU A 15 33.38 -7.01 4.20
C GLU A 15 32.10 -6.18 4.35
N ILE A 16 31.71 -5.48 3.30
CA ILE A 16 30.51 -4.67 3.35
C ILE A 16 29.32 -5.47 2.83
N THR A 17 29.54 -6.24 1.76
CA THR A 17 28.48 -7.03 1.17
C THR A 17 29.12 -8.14 0.35
N THR A 18 28.28 -9.00 -0.26
CA THR A 18 28.75 -10.05 -1.13
C THR A 18 27.93 -9.98 -2.41
N LYS A 19 28.49 -10.54 -3.47
CA LYS A 19 27.86 -10.43 -4.79
C LYS A 19 26.52 -11.15 -4.84
N ASN A 20 26.25 -12.09 -3.92
CA ASN A 20 24.97 -12.77 -3.91
C ASN A 20 23.86 -11.84 -3.38
N GLU A 21 24.22 -10.65 -2.91
CA GLU A 21 23.22 -9.69 -2.44
C GLU A 21 22.72 -8.78 -3.57
N ILE A 22 23.37 -8.82 -4.73
CA ILE A 22 23.08 -7.88 -5.81
C ILE A 22 21.73 -8.18 -6.45
N PHE A 23 20.94 -7.13 -6.68
CA PHE A 23 19.67 -7.30 -7.38
C PHE A 23 19.45 -6.07 -8.25
N SER A 24 18.59 -6.21 -9.26
CA SER A 24 18.20 -5.07 -10.06
C SER A 24 16.90 -4.51 -9.54
N LEU A 25 16.93 -3.24 -9.14
CA LEU A 25 15.77 -2.58 -8.58
C LEU A 25 14.88 -2.12 -9.70
N SER A 26 15.49 -1.67 -10.81
CA SER A 26 14.71 -1.18 -11.95
C SER A 26 15.29 -1.67 -13.28
N LEU A 27 15.03 -0.87 -14.30
CA LEU A 27 15.30 -1.25 -15.67
C LEU A 27 16.80 -1.18 -15.91
N SER A 28 17.52 -0.36 -15.13
CA SER A 28 18.90 0.00 -15.46
C SER A 28 19.92 -0.98 -14.90
N GLY A 29 19.50 -2.24 -14.63
CA GLY A 29 20.43 -3.32 -14.32
C GLY A 29 20.81 -3.13 -12.87
N PRO A 30 21.69 -3.95 -12.30
CA PRO A 30 22.01 -3.83 -10.88
C PRO A 30 22.92 -2.65 -10.54
N MET A 31 23.62 -2.11 -11.54
CA MET A 31 24.55 -1.01 -11.32
C MET A 31 24.45 -0.06 -12.50
N ALA A 32 24.29 1.23 -12.21
CA ALA A 32 24.23 2.24 -13.27
C ALA A 32 24.77 3.56 -12.71
N ALA A 33 25.12 4.48 -13.62
CA ALA A 33 25.57 5.80 -13.21
C ALA A 33 24.36 6.68 -12.87
N TYR A 34 24.42 7.41 -11.74
CA TYR A 34 23.39 8.37 -11.34
C TYR A 34 24.07 9.69 -10.99
N VAL A 35 23.36 10.78 -11.25
CA VAL A 35 23.93 12.12 -11.09
C VAL A 35 23.31 12.74 -9.85
N ASN A 36 24.17 13.27 -8.95
CA ASN A 36 23.69 13.93 -7.76
C ASN A 36 23.42 15.41 -8.08
N PRO A 37 22.91 16.17 -7.10
CA PRO A 37 22.43 17.52 -7.38
C PRO A 37 23.51 18.52 -7.81
N HIS A 38 24.76 18.18 -7.55
CA HIS A 38 25.89 19.07 -7.76
C HIS A 38 26.78 18.59 -8.90
N GLY A 39 26.40 17.50 -9.59
CA GLY A 39 27.12 17.05 -10.77
C GLY A 39 28.12 15.92 -10.51
N TYR A 40 28.07 15.30 -9.31
CA TYR A 40 28.89 14.11 -9.01
C TYR A 40 28.12 12.90 -9.51
N VAL A 41 28.85 12.00 -10.18
CA VAL A 41 28.28 10.81 -10.78
C VAL A 41 28.74 9.61 -9.98
N HIS A 42 27.76 8.87 -9.48
CA HIS A 42 27.99 7.71 -8.66
C HIS A 42 27.44 6.49 -9.40
N GLU A 43 28.33 5.55 -9.76
CA GLU A 43 27.89 4.27 -10.27
C GLU A 43 27.48 3.45 -9.05
N THR A 44 26.17 3.25 -8.93
CA THR A 44 25.59 2.76 -7.71
C THR A 44 25.09 1.33 -7.94
N LEU A 45 25.59 0.42 -7.11
CA LEU A 45 25.18 -0.98 -7.14
C LEU A 45 24.13 -1.19 -6.06
N THR A 46 23.01 -1.86 -6.35
CA THR A 46 21.98 -2.10 -5.35
C THR A 46 22.08 -3.52 -4.80
N VAL A 47 22.13 -3.61 -3.47
CA VAL A 47 22.25 -4.88 -2.76
C VAL A 47 21.21 -4.92 -1.65
N TYR A 48 20.73 -6.13 -1.33
CA TYR A 48 19.68 -6.24 -0.34
C TYR A 48 20.22 -5.95 1.05
N LYS A 49 21.42 -6.45 1.38
CA LYS A 49 21.92 -6.36 2.74
C LYS A 49 23.38 -5.96 2.69
N ALA A 50 23.78 -5.11 3.64
CA ALA A 50 25.17 -4.68 3.76
C ALA A 50 25.52 -4.67 5.24
N SER A 51 26.80 -4.86 5.59
CA SER A 51 27.25 -4.86 6.97
C SER A 51 28.38 -3.85 7.15
N ASN A 52 28.69 -3.53 8.42
CA ASN A 52 29.89 -2.80 8.77
C ASN A 52 29.84 -1.37 8.28
N LEU A 53 28.63 -0.82 8.15
CA LEU A 53 28.40 0.55 7.77
C LEU A 53 27.73 1.29 8.94
N ASN A 54 28.03 2.59 9.04
CA ASN A 54 27.39 3.49 9.96
C ASN A 54 26.61 4.51 9.16
N LEU A 55 25.46 4.89 9.70
CA LEU A 55 24.61 5.89 9.08
C LEU A 55 24.82 7.27 9.70
N ILE A 56 24.72 8.29 8.84
CA ILE A 56 24.76 9.70 9.21
C ILE A 56 23.36 10.25 9.01
N GLY A 57 22.76 10.79 10.06
CA GLY A 57 21.54 11.55 9.94
C GLY A 57 20.31 10.68 9.71
N ARG A 58 19.26 11.32 9.16
CA ARG A 58 17.94 10.73 9.01
C ARG A 58 17.61 10.61 7.52
N PRO A 59 16.67 9.74 7.14
CA PRO A 59 16.35 9.53 5.74
C PRO A 59 15.84 10.80 5.05
N SER A 60 16.22 10.98 3.79
CA SER A 60 15.75 12.09 2.98
C SER A 60 15.31 11.58 1.61
N THR A 61 14.26 12.20 1.04
CA THR A 61 13.82 11.90 -0.32
C THR A 61 14.41 12.90 -1.32
N GLU A 62 15.24 13.84 -0.87
CA GLU A 62 15.77 14.88 -1.77
C GLU A 62 16.56 14.26 -2.94
N HIS A 63 16.12 14.50 -4.19
CA HIS A 63 16.80 14.05 -5.38
C HIS A 63 17.05 12.54 -5.35
N SER A 64 16.12 11.80 -4.74
CA SER A 64 16.25 10.35 -4.68
C SER A 64 16.27 9.77 -6.09
N TRP A 65 17.22 8.87 -6.31
CA TRP A 65 17.36 8.21 -7.59
C TRP A 65 16.35 7.08 -7.77
N PHE A 66 15.77 6.65 -6.65
CA PHE A 66 14.84 5.53 -6.62
C PHE A 66 13.52 6.01 -6.03
N PRO A 67 12.59 6.49 -6.86
CA PRO A 67 11.34 7.06 -6.35
C PRO A 67 10.58 6.06 -5.48
N GLY A 68 10.08 6.57 -4.36
CA GLY A 68 9.47 5.76 -3.32
C GLY A 68 10.44 5.40 -2.20
N TYR A 69 11.74 5.74 -2.38
CA TYR A 69 12.70 5.49 -1.34
C TYR A 69 13.38 6.77 -0.87
N ALA A 70 13.71 6.78 0.41
CA ALA A 70 14.54 7.81 1.03
C ALA A 70 15.96 7.27 1.22
N TRP A 71 16.95 8.16 1.19
CA TRP A 71 18.34 7.75 1.38
C TRP A 71 18.86 8.23 2.74
N THR A 72 19.82 7.47 3.27
CA THR A 72 20.61 7.85 4.43
C THR A 72 22.08 7.54 4.12
N VAL A 73 22.97 8.53 4.29
CA VAL A 73 24.38 8.35 3.98
C VAL A 73 24.97 7.23 4.84
N ALA A 74 25.79 6.38 4.20
CA ALA A 74 26.41 5.21 4.80
C ALA A 74 27.94 5.27 4.61
N GLN A 75 28.64 5.13 5.73
CA GLN A 75 30.09 5.24 5.81
C GLN A 75 30.67 3.97 6.42
N CYS A 76 31.92 3.68 6.04
CA CYS A 76 32.63 2.54 6.58
C CYS A 76 32.76 2.72 8.09
N LYS A 77 32.43 1.69 8.85
CA LYS A 77 32.55 1.80 10.30
C LYS A 77 33.99 1.98 10.79
N ILE A 78 34.97 1.51 10.03
CA ILE A 78 36.37 1.60 10.44
C ILE A 78 36.93 2.98 10.18
N CYS A 79 36.85 3.44 8.92
CA CYS A 79 37.62 4.58 8.45
C CYS A 79 36.76 5.79 8.10
N ALA A 80 35.44 5.62 8.12
CA ALA A 80 34.46 6.67 7.88
C ALA A 80 34.37 7.08 6.40
N SER A 81 34.99 6.33 5.52
CA SER A 81 34.96 6.66 4.09
C SER A 81 33.52 6.49 3.61
N HIS A 82 33.08 7.37 2.71
CA HIS A 82 31.76 7.25 2.12
C HIS A 82 31.66 5.97 1.30
N ILE A 83 30.66 5.14 1.60
CA ILE A 83 30.43 3.91 0.85
C ILE A 83 29.19 4.00 -0.04
N GLY A 84 28.12 4.59 0.46
CA GLY A 84 26.91 4.68 -0.34
C GLY A 84 25.78 5.25 0.52
N TRP A 85 24.62 4.63 0.40
CA TRP A 85 23.43 5.09 1.07
C TRP A 85 22.59 3.87 1.38
N LYS A 86 21.93 3.92 2.53
CA LYS A 86 20.84 3.02 2.79
C LYS A 86 19.57 3.65 2.23
N PHE A 87 18.78 2.84 1.51
CA PHE A 87 17.51 3.27 0.98
C PHE A 87 16.36 2.60 1.74
N THR A 88 15.36 3.42 2.12
CA THR A 88 14.24 2.97 2.93
C THR A 88 12.93 3.43 2.30
N ALA A 89 11.97 2.52 2.20
CA ALA A 89 10.73 2.80 1.51
C ALA A 89 9.98 3.88 2.25
N THR A 90 9.28 4.74 1.50
CA THR A 90 8.46 5.78 2.10
C THR A 90 7.01 5.34 2.11
N LYS A 91 6.72 4.14 1.61
CA LYS A 91 5.36 3.61 1.66
C LYS A 91 5.42 2.09 1.72
N LYS A 92 4.34 1.48 2.25
CA LYS A 92 4.30 0.06 2.50
C LYS A 92 4.28 -0.77 1.22
N ASP A 93 3.84 -0.27 0.07
CA ASP A 93 3.72 -1.18 -1.06
C ASP A 93 5.06 -1.38 -1.77
N MET A 94 6.13 -0.73 -1.31
CA MET A 94 7.42 -0.86 -1.99
C MET A 94 7.99 -2.22 -1.59
N SER A 95 8.60 -2.92 -2.53
CA SER A 95 9.34 -4.11 -2.22
C SER A 95 10.68 -4.08 -2.96
N PRO A 96 11.86 -4.21 -2.32
CA PRO A 96 12.00 -4.41 -0.89
C PRO A 96 11.74 -3.15 -0.10
N GLN A 97 11.53 -3.29 1.20
CA GLN A 97 11.33 -2.14 2.04
C GLN A 97 12.63 -1.37 2.31
N LYS A 98 13.75 -2.05 2.16
CA LYS A 98 15.03 -1.43 2.33
C LYS A 98 16.07 -2.20 1.52
N PHE A 99 17.06 -1.44 1.07
CA PHE A 99 18.22 -1.94 0.37
C PHE A 99 19.34 -0.91 0.51
N TRP A 100 20.51 -1.24 -0.03
CA TRP A 100 21.66 -0.35 -0.01
C TRP A 100 22.10 -0.07 -1.44
N GLY A 101 22.51 1.17 -1.68
CA GLY A 101 23.14 1.57 -2.94
C GLY A 101 24.58 1.90 -2.64
N LEU A 102 25.50 1.06 -3.11
CA LEU A 102 26.90 1.23 -2.84
C LEU A 102 27.60 1.82 -4.05
N THR A 103 28.48 2.80 -3.80
CA THR A 103 29.13 3.45 -4.93
C THR A 103 30.35 2.62 -5.33
N ARG A 104 30.45 2.32 -6.63
CA ARG A 104 31.50 1.47 -7.15
C ARG A 104 32.89 1.88 -6.72
N SER A 105 33.19 3.17 -6.72
CA SER A 105 34.54 3.66 -6.49
C SER A 105 34.97 3.51 -5.03
N ALA A 106 34.01 3.21 -4.13
CA ALA A 106 34.30 3.03 -2.71
C ALA A 106 34.66 1.58 -2.36
N LEU A 107 34.50 0.64 -3.30
CA LEU A 107 34.62 -0.78 -2.97
C LEU A 107 35.78 -1.45 -3.72
N LEU A 108 36.36 -2.45 -3.07
CA LEU A 108 37.27 -3.39 -3.72
C LEU A 108 36.81 -4.82 -3.49
N PRO A 109 36.87 -5.74 -4.48
CA PRO A 109 37.37 -5.46 -5.82
C PRO A 109 36.50 -4.53 -6.65
N THR A 110 37.07 -4.05 -7.76
CA THR A 110 36.33 -3.22 -8.69
C THR A 110 35.28 -4.08 -9.37
N ILE A 111 34.01 -3.63 -9.34
CA ILE A 111 32.91 -4.36 -9.95
C ILE A 111 32.58 -3.81 -11.35
N GLU B 3 19.80 21.75 12.91
CA GLU B 3 20.51 20.76 13.77
C GLU B 3 21.79 20.34 13.05
N ARG B 4 21.70 20.06 11.73
CA ARG B 4 22.87 19.74 10.92
C ARG B 4 22.85 20.56 9.62
N PRO B 5 23.20 21.87 9.64
CA PRO B 5 22.98 22.71 8.47
C PRO B 5 24.04 22.62 7.37
N PHE B 6 25.15 21.90 7.59
CA PHE B 6 26.24 21.91 6.61
C PHE B 6 26.27 20.58 5.85
N HIS B 7 26.16 20.62 4.52
CA HIS B 7 26.04 19.41 3.72
C HIS B 7 27.21 19.24 2.75
N CYS B 8 27.68 18.00 2.65
CA CYS B 8 28.66 17.60 1.67
C CYS B 8 28.00 17.47 0.30
N ASN B 9 28.58 18.15 -0.67
CA ASN B 9 27.99 18.15 -1.99
C ASN B 9 28.29 16.88 -2.78
N GLN B 10 29.20 16.04 -2.31
CA GLN B 10 29.50 14.78 -2.99
C GLN B 10 28.57 13.67 -2.55
N CYS B 11 28.16 13.61 -1.28
CA CYS B 11 27.39 12.44 -0.83
C CYS B 11 26.13 12.76 -0.06
N GLY B 12 25.98 14.02 0.37
CA GLY B 12 24.83 14.46 1.12
C GLY B 12 24.94 14.31 2.65
N ALA B 13 26.11 13.88 3.17
CA ALA B 13 26.39 13.88 4.59
C ALA B 13 26.17 15.27 5.18
N SER B 14 25.60 15.30 6.38
CA SER B 14 25.26 16.56 7.01
C SER B 14 25.96 16.66 8.36
N PHE B 15 26.24 17.90 8.79
CA PHE B 15 27.09 18.17 9.93
C PHE B 15 26.53 19.36 10.71
N THR B 16 26.69 19.31 12.06
CA THR B 16 26.35 20.46 12.87
C THR B 16 27.46 21.51 12.84
N GLN B 17 28.71 21.07 12.72
CA GLN B 17 29.85 21.98 12.69
C GLN B 17 30.46 22.01 11.30
N LYS B 18 30.58 23.23 10.76
CA LYS B 18 31.14 23.45 9.44
C LYS B 18 32.57 22.92 9.39
N GLY B 19 33.31 23.06 10.50
CA GLY B 19 34.67 22.53 10.50
C GLY B 19 34.77 21.03 10.25
N ASN B 20 33.74 20.27 10.65
CA ASN B 20 33.72 18.84 10.41
C ASN B 20 33.33 18.54 8.96
N LEU B 21 32.47 19.39 8.38
CA LEU B 21 32.20 19.33 6.95
C LEU B 21 33.51 19.49 6.17
N LEU B 22 34.35 20.46 6.54
CA LEU B 22 35.54 20.74 5.75
C LEU B 22 36.43 19.50 5.75
N ARG B 23 36.56 18.85 6.91
CA ARG B 23 37.44 17.69 7.00
C ARG B 23 36.86 16.53 6.20
N HIS B 24 35.55 16.38 6.29
CA HIS B 24 34.86 15.32 5.59
C HIS B 24 35.07 15.48 4.07
N ILE B 25 34.94 16.69 3.56
CA ILE B 25 35.15 16.87 2.12
C ILE B 25 36.58 16.48 1.74
N LYS B 26 37.55 16.93 2.53
CA LYS B 26 38.94 16.61 2.26
C LYS B 26 39.12 15.08 2.15
N LEU B 27 38.43 14.33 3.03
CA LEU B 27 38.64 12.90 3.11
C LEU B 27 37.95 12.17 1.95
N HIS B 28 37.12 12.83 1.13
CA HIS B 28 36.66 12.22 -0.11
C HIS B 28 37.81 11.99 -1.10
N SER B 29 38.87 12.80 -1.02
CA SER B 29 40.17 12.42 -1.55
C SER B 29 40.85 11.42 -0.61
N GLY C 1 53.73 11.28 33.16
CA GLY C 1 52.57 10.51 33.65
C GLY C 1 52.16 9.38 32.70
N PRO C 2 51.22 8.52 33.16
CA PRO C 2 50.72 7.42 32.33
C PRO C 2 50.12 7.96 31.03
N SER C 3 50.36 7.26 29.92
CA SER C 3 49.95 7.75 28.59
C SER C 3 49.56 6.61 27.66
N THR C 4 49.42 5.39 28.21
CA THR C 4 49.08 4.22 27.43
C THR C 4 47.57 4.12 27.19
N SER C 5 47.22 3.19 26.32
CA SER C 5 45.89 3.17 25.73
C SER C 5 44.89 2.51 26.67
N LEU C 6 43.63 2.98 26.58
CA LEU C 6 42.46 2.25 27.02
C LEU C 6 41.66 1.85 25.80
N SER C 7 41.29 0.57 25.75
CA SER C 7 40.75 -0.06 24.56
C SER C 7 39.43 -0.74 24.88
N CYS C 8 38.63 -1.02 23.83
CA CYS C 8 37.37 -1.71 24.01
C CYS C 8 37.60 -3.13 24.55
N LYS C 9 37.02 -3.44 25.71
CA LYS C 9 37.16 -4.74 26.33
C LYS C 9 36.50 -5.84 25.51
N GLN C 10 35.39 -5.51 24.85
CA GLN C 10 34.54 -6.53 24.25
C GLN C 10 35.17 -7.04 22.94
N CYS C 11 35.69 -6.14 22.08
CA CYS C 11 36.27 -6.62 20.82
C CYS C 11 37.80 -6.69 20.90
N GLN C 12 38.42 -5.86 21.75
CA GLN C 12 39.88 -5.72 21.81
C GLN C 12 40.49 -5.43 20.44
N GLU C 13 39.80 -4.64 19.62
CA GLU C 13 40.29 -4.31 18.29
C GLU C 13 40.43 -2.80 18.13
N THR C 14 40.15 -1.98 19.16
CA THR C 14 40.38 -0.55 18.97
C THR C 14 40.66 0.14 20.28
N GLU C 15 41.57 1.12 20.16
CA GLU C 15 41.90 2.03 21.23
C GLU C 15 40.82 3.11 21.27
N ILE C 16 40.47 3.54 22.49
CA ILE C 16 39.42 4.53 22.68
C ILE C 16 40.02 5.85 23.16
N THR C 17 40.96 5.77 24.09
CA THR C 17 41.59 6.98 24.61
C THR C 17 42.93 6.58 25.21
N THR C 18 43.61 7.54 25.84
CA THR C 18 44.88 7.29 26.50
C THR C 18 44.82 7.90 27.90
N LYS C 19 45.66 7.35 28.79
CA LYS C 19 45.61 7.71 30.20
C LYS C 19 45.99 9.19 30.44
N ASN C 20 46.68 9.83 29.47
CA ASN C 20 47.08 11.24 29.64
C ASN C 20 45.88 12.15 29.31
N GLU C 21 44.72 11.58 28.96
CA GLU C 21 43.52 12.39 28.72
C GLU C 21 42.65 12.52 29.96
N ILE C 22 42.99 11.80 31.03
CA ILE C 22 42.17 11.73 32.22
C ILE C 22 42.26 13.06 32.99
N PHE C 23 41.11 13.55 33.45
CA PHE C 23 41.06 14.75 34.27
C PHE C 23 39.90 14.62 35.25
N SER C 24 39.96 15.39 36.34
CA SER C 24 38.89 15.45 37.32
C SER C 24 37.98 16.64 37.02
N LEU C 25 36.74 16.37 36.67
CA LEU C 25 35.76 17.41 36.37
C LEU C 25 35.24 18.00 37.67
N SER C 26 34.97 17.12 38.64
CA SER C 26 34.37 17.49 39.92
C SER C 26 35.27 17.03 41.05
N LEU C 27 34.79 17.21 42.29
CA LEU C 27 35.56 16.84 43.46
C LEU C 27 35.56 15.32 43.65
N SER C 28 34.75 14.57 42.90
CA SER C 28 34.73 13.12 43.03
C SER C 28 35.84 12.44 42.22
N GLY C 29 36.92 13.19 41.89
CA GLY C 29 38.18 12.59 41.41
C GLY C 29 37.93 12.27 39.97
N PRO C 30 38.84 11.64 39.22
CA PRO C 30 38.58 11.41 37.80
C PRO C 30 37.58 10.30 37.53
N MET C 31 37.38 9.41 38.49
CA MET C 31 36.49 8.28 38.24
C MET C 31 35.67 8.05 39.51
N ALA C 32 34.36 7.89 39.37
CA ALA C 32 33.51 7.58 40.51
C ALA C 32 32.29 6.81 39.99
N ALA C 33 31.56 6.18 40.93
CA ALA C 33 30.33 5.47 40.61
C ALA C 33 29.17 6.47 40.55
N TYR C 34 28.38 6.36 39.46
CA TYR C 34 27.16 7.12 39.25
C TYR C 34 26.03 6.14 39.01
N VAL C 35 24.85 6.54 39.47
CA VAL C 35 23.65 5.70 39.39
C VAL C 35 22.76 6.28 38.30
N ASN C 36 22.30 5.42 37.38
CA ASN C 36 21.41 5.84 36.32
C ASN C 36 19.96 5.71 36.78
N PRO C 37 18.97 6.17 35.96
CA PRO C 37 17.58 6.21 36.39
C PRO C 37 16.95 4.87 36.77
N HIS C 38 17.55 3.75 36.38
CA HIS C 38 16.93 2.45 36.53
C HIS C 38 17.76 1.58 37.47
N GLY C 39 18.79 2.16 38.11
CA GLY C 39 19.55 1.50 39.15
C GLY C 39 20.80 0.80 38.65
N TYR C 40 21.24 1.11 37.40
CA TYR C 40 22.52 0.64 36.91
C TYR C 40 23.61 1.61 37.38
N VAL C 41 24.70 1.07 37.88
CA VAL C 41 25.78 1.89 38.37
C VAL C 41 26.95 1.80 37.39
N HIS C 42 27.42 2.96 36.97
CA HIS C 42 28.52 3.07 36.04
C HIS C 42 29.66 3.81 36.71
N GLU C 43 30.83 3.15 36.83
CA GLU C 43 32.03 3.85 37.28
C GLU C 43 32.58 4.59 36.07
N THR C 44 32.48 5.92 36.12
CA THR C 44 32.62 6.69 34.91
C THR C 44 33.90 7.51 35.04
N LEU C 45 34.81 7.30 34.08
CA LEU C 45 36.06 8.01 34.00
C LEU C 45 35.94 9.15 33.00
N THR C 46 36.36 10.36 33.40
CA THR C 46 36.25 11.52 32.52
C THR C 46 37.58 11.79 31.84
N VAL C 47 37.52 11.88 30.51
CA VAL C 47 38.66 12.13 29.66
C VAL C 47 38.33 13.26 28.69
N TYR C 48 39.35 14.05 28.29
CA TYR C 48 39.12 15.16 27.39
C TYR C 48 38.77 14.69 25.97
N LYS C 49 39.51 13.72 25.45
CA LYS C 49 39.43 13.33 24.05
C LYS C 49 39.32 11.81 24.01
N ALA C 50 38.53 11.33 23.05
CA ALA C 50 38.40 9.90 22.77
C ALA C 50 38.27 9.69 21.28
N SER C 51 38.66 8.51 20.79
CA SER C 51 38.59 8.15 19.38
C SER C 51 37.81 6.84 19.21
N ASN C 52 37.40 6.56 17.98
CA ASN C 52 36.91 5.25 17.59
C ASN C 52 35.55 4.92 18.18
N LEU C 53 34.77 5.97 18.47
CA LEU C 53 33.44 5.83 19.03
C LEU C 53 32.42 6.37 18.03
N ASN C 54 31.26 5.73 17.96
CA ASN C 54 30.11 6.26 17.24
C ASN C 54 29.07 6.69 18.24
N LEU C 55 28.37 7.78 17.89
CA LEU C 55 27.32 8.32 18.74
C LEU C 55 25.95 7.83 18.27
N ILE C 56 25.08 7.57 19.24
CA ILE C 56 23.71 7.11 19.02
C ILE C 56 22.79 8.18 19.56
N GLY C 57 21.92 8.66 18.69
CA GLY C 57 20.81 9.49 19.10
C GLY C 57 21.26 10.94 19.26
N ARG C 58 20.47 11.70 20.02
CA ARG C 58 20.67 13.12 20.19
C ARG C 58 21.14 13.38 21.61
N PRO C 59 21.74 14.54 21.93
CA PRO C 59 22.13 14.84 23.29
C PRO C 59 20.91 15.04 24.19
N SER C 60 21.07 14.73 25.47
CA SER C 60 19.98 14.89 26.43
C SER C 60 20.56 15.35 27.77
N THR C 61 19.84 16.17 28.53
CA THR C 61 20.27 16.53 29.89
C THR C 61 19.58 15.66 30.93
N GLU C 62 18.75 14.69 30.53
CA GLU C 62 17.98 13.90 31.48
C GLU C 62 18.90 13.12 32.43
N HIS C 63 18.77 13.36 33.75
CA HIS C 63 19.51 12.64 34.76
C HIS C 63 21.01 12.80 34.55
N SER C 64 21.43 13.94 33.97
CA SER C 64 22.84 14.13 33.72
C SER C 64 23.59 14.09 35.06
N TRP C 65 24.71 13.36 35.10
CA TRP C 65 25.54 13.34 36.30
C TRP C 65 26.41 14.58 36.45
N PHE C 66 26.50 15.35 35.37
CA PHE C 66 27.40 16.49 35.29
C PHE C 66 26.58 17.72 34.93
N PRO C 67 25.97 18.37 35.92
CA PRO C 67 25.09 19.49 35.65
C PRO C 67 25.74 20.54 34.77
N GLY C 68 24.97 21.00 33.79
CA GLY C 68 25.44 21.91 32.75
C GLY C 68 25.87 21.18 31.47
N TYR C 69 25.93 19.84 31.50
CA TYR C 69 26.32 19.05 30.36
C TYR C 69 25.17 18.12 29.96
N ALA C 70 25.06 17.94 28.65
CA ALA C 70 24.22 16.92 28.04
C ALA C 70 25.06 15.72 27.66
N TRP C 71 24.42 14.55 27.68
CA TRP C 71 25.07 13.30 27.26
C TRP C 71 24.55 12.80 25.91
N THR C 72 25.44 12.12 25.16
CA THR C 72 25.09 11.37 23.98
C THR C 72 25.76 9.99 24.11
N VAL C 73 24.96 8.92 23.95
CA VAL C 73 25.52 7.58 24.03
C VAL C 73 26.62 7.36 23.01
N ALA C 74 27.69 6.69 23.46
CA ALA C 74 28.87 6.41 22.66
C ALA C 74 29.14 4.91 22.67
N GLN C 75 29.30 4.35 21.46
CA GLN C 75 29.54 2.92 21.27
C GLN C 75 30.83 2.71 20.49
N CYS C 76 31.43 1.52 20.68
CA CYS C 76 32.61 1.15 19.94
C CYS C 76 32.29 1.13 18.45
N LYS C 77 33.13 1.76 17.62
CA LYS C 77 32.91 1.74 16.19
C LYS C 77 32.98 0.32 15.62
N ILE C 78 33.74 -0.57 16.25
CA ILE C 78 33.90 -1.92 15.70
C ILE C 78 32.71 -2.79 16.06
N CYS C 79 32.40 -2.92 17.35
CA CYS C 79 31.54 -3.98 17.83
C CYS C 79 30.22 -3.43 18.38
N ALA C 80 30.10 -2.10 18.44
CA ALA C 80 28.89 -1.41 18.90
C ALA C 80 28.60 -1.57 20.39
N SER C 81 29.56 -2.12 21.15
CA SER C 81 29.47 -2.21 22.59
C SER C 81 29.40 -0.82 23.22
N HIS C 82 28.59 -0.70 24.26
CA HIS C 82 28.47 0.57 24.94
C HIS C 82 29.77 0.87 25.67
N ILE C 83 30.32 2.05 25.42
CA ILE C 83 31.57 2.49 26.05
C ILE C 83 31.29 3.59 27.06
N GLY C 84 30.40 4.51 26.73
CA GLY C 84 30.17 5.60 27.66
C GLY C 84 29.28 6.63 27.00
N TRP C 85 29.61 7.90 27.23
CA TRP C 85 28.84 9.01 26.72
C TRP C 85 29.79 10.13 26.38
N LYS C 86 29.43 10.89 25.35
CA LYS C 86 30.04 12.18 25.13
C LYS C 86 29.23 13.22 25.87
N PHE C 87 29.91 14.07 26.62
CA PHE C 87 29.24 15.17 27.31
C PHE C 87 29.56 16.50 26.62
N THR C 88 28.52 17.32 26.45
CA THR C 88 28.65 18.58 25.73
C THR C 88 27.95 19.66 26.53
N ALA C 89 28.64 20.80 26.66
CA ALA C 89 28.16 21.88 27.50
C ALA C 89 26.87 22.42 26.93
N THR C 90 25.96 22.81 27.84
CA THR C 90 24.71 23.46 27.44
C THR C 90 24.84 24.98 27.46
N LYS C 91 25.96 25.50 27.95
CA LYS C 91 26.19 26.94 27.98
C LYS C 91 27.67 27.23 27.77
N LYS C 92 27.96 28.48 27.36
CA LYS C 92 29.29 28.85 26.91
C LYS C 92 30.28 28.99 28.07
N ASP C 93 29.82 29.26 29.30
CA ASP C 93 30.77 29.51 30.38
C ASP C 93 31.33 28.20 30.96
N MET C 94 30.88 27.05 30.45
CA MET C 94 31.34 25.76 30.96
C MET C 94 32.75 25.54 30.39
N SER C 95 33.64 25.02 31.21
CA SER C 95 34.91 24.54 30.72
C SER C 95 35.22 23.19 31.36
N PRO C 96 35.56 22.14 30.59
CA PRO C 96 35.66 22.19 29.14
C PRO C 96 34.31 22.14 28.45
N GLN C 97 34.29 22.49 27.16
CA GLN C 97 33.04 22.52 26.40
C GLN C 97 32.56 21.11 26.10
N LYS C 98 33.48 20.16 26.12
CA LYS C 98 33.09 18.79 25.85
C LYS C 98 34.14 17.88 26.45
N PHE C 99 33.71 16.68 26.77
CA PHE C 99 34.56 15.64 27.30
C PHE C 99 33.82 14.33 27.11
N TRP C 100 34.45 13.24 27.52
CA TRP C 100 33.82 11.91 27.43
C TRP C 100 33.82 11.29 28.81
N GLY C 101 32.72 10.62 29.15
CA GLY C 101 32.64 9.79 30.36
C GLY C 101 32.59 8.35 29.93
N LEU C 102 33.65 7.60 30.22
CA LEU C 102 33.80 6.24 29.78
C LEU C 102 33.59 5.31 30.98
N THR C 103 32.87 4.23 30.73
CA THR C 103 32.56 3.31 31.80
C THR C 103 33.70 2.31 31.98
N ARG C 104 34.11 2.14 33.23
CA ARG C 104 35.23 1.29 33.58
C ARG C 104 35.05 -0.12 33.05
N SER C 105 33.84 -0.67 33.14
CA SER C 105 33.63 -2.06 32.75
C SER C 105 33.73 -2.27 31.24
N ALA C 106 33.70 -1.19 30.44
CA ALA C 106 33.82 -1.33 28.99
C ALA C 106 35.26 -1.32 28.50
N LEU C 107 36.24 -1.00 29.35
CA LEU C 107 37.61 -0.73 28.91
C LEU C 107 38.62 -1.71 29.50
N LEU C 108 39.71 -1.89 28.77
CA LEU C 108 40.94 -2.52 29.23
C LEU C 108 42.14 -1.63 28.97
N PRO C 109 43.13 -1.56 29.86
CA PRO C 109 43.11 -2.27 31.15
C PRO C 109 42.06 -1.76 32.12
N THR C 110 41.86 -2.55 33.19
CA THR C 110 40.92 -2.20 34.24
C THR C 110 41.53 -1.07 35.07
N ILE C 111 40.89 0.09 35.04
CA ILE C 111 41.41 1.26 35.76
C ILE C 111 41.00 1.20 37.24
N GLU D 3 10.44 9.67 17.01
CA GLU D 3 11.36 9.13 15.97
C GLU D 3 12.19 7.98 16.57
N ARG D 4 12.60 8.08 17.83
CA ARG D 4 13.35 6.99 18.45
C ARG D 4 12.75 6.68 19.81
N PRO D 5 11.55 6.08 19.87
CA PRO D 5 10.82 5.99 21.13
C PRO D 5 11.22 4.87 22.06
N PHE D 6 12.13 3.96 21.68
CA PHE D 6 12.45 2.83 22.55
C PHE D 6 13.82 3.06 23.18
N HIS D 7 13.89 2.95 24.50
CA HIS D 7 15.13 3.33 25.18
C HIS D 7 15.73 2.20 25.99
N CYS D 8 17.06 2.07 25.95
CA CYS D 8 17.81 1.11 26.73
C CYS D 8 17.93 1.58 28.16
N ASN D 9 17.51 0.77 29.12
CA ASN D 9 17.55 1.22 30.51
C ASN D 9 18.96 1.16 31.09
N GLN D 10 19.94 0.55 30.39
CA GLN D 10 21.29 0.51 30.93
C GLN D 10 22.14 1.71 30.51
N CYS D 11 21.94 2.24 29.30
CA CYS D 11 22.80 3.32 28.82
C CYS D 11 22.09 4.53 28.25
N GLY D 12 20.78 4.45 27.98
CA GLY D 12 20.04 5.56 27.42
C GLY D 12 20.00 5.58 25.89
N ALA D 13 20.58 4.57 25.23
CA ALA D 13 20.49 4.42 23.79
C ALA D 13 19.03 4.38 23.37
N SER D 14 18.68 5.07 22.27
CA SER D 14 17.31 5.13 21.78
C SER D 14 17.24 4.52 20.39
N PHE D 15 16.09 3.95 20.05
CA PHE D 15 15.91 3.18 18.83
C PHE D 15 14.55 3.46 18.20
N THR D 16 14.50 3.43 16.84
CA THR D 16 13.26 3.56 16.10
C THR D 16 12.44 2.28 16.18
N GLN D 17 13.14 1.16 16.09
CA GLN D 17 12.54 -0.17 15.99
C GLN D 17 12.77 -0.90 17.31
N LYS D 18 11.69 -1.32 17.95
CA LYS D 18 11.86 -2.02 19.20
C LYS D 18 12.70 -3.28 19.05
N GLY D 19 12.58 -3.97 17.91
CA GLY D 19 13.40 -5.16 17.67
C GLY D 19 14.90 -4.88 17.83
N ASN D 20 15.32 -3.66 17.47
CA ASN D 20 16.72 -3.28 17.53
C ASN D 20 17.08 -3.05 18.99
N LEU D 21 16.16 -2.46 19.75
CA LEU D 21 16.38 -2.30 21.19
C LEU D 21 16.61 -3.66 21.85
N LEU D 22 15.81 -4.67 21.50
CA LEU D 22 15.94 -5.97 22.14
C LEU D 22 17.33 -6.54 21.89
N ARG D 23 17.83 -6.40 20.66
CA ARG D 23 19.17 -6.93 20.35
C ARG D 23 20.24 -6.14 21.11
N HIS D 24 20.07 -4.82 21.18
CA HIS D 24 21.00 -3.95 21.89
C HIS D 24 21.07 -4.34 23.37
N ILE D 25 19.92 -4.60 24.01
CA ILE D 25 19.93 -4.95 25.41
C ILE D 25 20.70 -6.27 25.60
N LYS D 26 20.42 -7.25 24.76
CA LYS D 26 21.10 -8.54 24.83
C LYS D 26 22.61 -8.36 24.77
N LEU D 27 23.09 -7.46 23.90
CA LEU D 27 24.51 -7.29 23.67
C LEU D 27 25.18 -6.54 24.82
N HIS D 28 24.45 -6.04 25.82
CA HIS D 28 25.06 -5.55 27.04
C HIS D 28 25.66 -6.69 27.85
N SER D 29 25.16 -7.92 27.66
CA SER D 29 25.93 -9.12 27.93
C SER D 29 26.84 -9.39 26.73
N SER E 3 -27.96 19.67 -2.85
CA SER E 3 -27.26 19.89 -4.14
C SER E 3 -28.04 19.25 -5.28
N THR E 4 -27.80 19.78 -6.47
CA THR E 4 -28.50 19.44 -7.70
C THR E 4 -28.39 17.94 -7.97
N SER E 5 -29.51 17.32 -8.30
CA SER E 5 -29.49 15.92 -8.68
C SER E 5 -29.20 15.81 -10.18
N LEU E 6 -28.43 14.79 -10.55
CA LEU E 6 -28.17 14.45 -11.93
C LEU E 6 -28.91 13.15 -12.21
N SER E 7 -29.61 13.10 -13.36
CA SER E 7 -30.46 11.98 -13.73
C SER E 7 -30.08 11.49 -15.13
N CYS E 8 -30.49 10.26 -15.46
CA CYS E 8 -30.34 9.73 -16.81
C CYS E 8 -31.06 10.60 -17.83
N LYS E 9 -30.32 11.08 -18.82
CA LYS E 9 -30.86 11.94 -19.86
C LYS E 9 -31.95 11.24 -20.68
N GLN E 10 -31.78 9.93 -20.91
CA GLN E 10 -32.66 9.16 -21.79
C GLN E 10 -34.02 8.95 -21.14
N CYS E 11 -34.09 8.56 -19.86
CA CYS E 11 -35.38 8.25 -19.25
C CYS E 11 -35.84 9.30 -18.24
N GLN E 12 -34.88 10.04 -17.62
CA GLN E 12 -35.09 10.99 -16.55
C GLN E 12 -35.98 10.43 -15.45
N GLU E 13 -35.83 9.14 -15.16
CA GLU E 13 -36.66 8.50 -14.14
C GLU E 13 -35.89 8.30 -12.83
N THR E 14 -34.56 8.39 -12.84
CA THR E 14 -33.76 8.12 -11.65
C THR E 14 -32.75 9.24 -11.42
N GLU E 15 -32.52 9.51 -10.14
CA GLU E 15 -31.35 10.27 -9.69
C GLU E 15 -30.15 9.34 -9.68
N ILE E 16 -29.08 9.70 -10.38
CA ILE E 16 -27.87 8.88 -10.44
C ILE E 16 -26.86 9.38 -9.39
N THR E 17 -26.74 10.69 -9.24
CA THR E 17 -25.83 11.26 -8.26
C THR E 17 -26.27 12.68 -7.97
N THR E 18 -25.52 13.35 -7.09
CA THR E 18 -25.82 14.73 -6.79
C THR E 18 -24.50 15.50 -6.87
N LYS E 19 -24.57 16.80 -7.07
CA LYS E 19 -23.37 17.59 -7.28
C LYS E 19 -22.47 17.62 -6.04
N ASN E 20 -22.98 17.29 -4.84
CA ASN E 20 -22.13 17.24 -3.66
C ASN E 20 -21.21 16.00 -3.69
N GLU E 21 -21.39 15.11 -4.66
CA GLU E 21 -20.52 13.94 -4.75
C GLU E 21 -19.30 14.20 -5.62
N ILE E 22 -19.26 15.34 -6.30
CA ILE E 22 -18.22 15.65 -7.29
C ILE E 22 -16.90 15.91 -6.60
N PHE E 23 -15.81 15.28 -7.08
CA PHE E 23 -14.48 15.59 -6.57
C PHE E 23 -13.49 15.55 -7.72
N SER E 24 -12.31 16.15 -7.53
CA SER E 24 -11.24 16.07 -8.51
C SER E 24 -10.27 14.97 -8.13
N LEU E 25 -10.12 13.97 -8.99
CA LEU E 25 -9.23 12.85 -8.75
C LEU E 25 -7.82 13.28 -9.07
N SER E 26 -7.66 14.10 -10.10
CA SER E 26 -6.35 14.48 -10.58
C SER E 26 -6.27 15.99 -10.85
N LEU E 27 -5.30 16.33 -11.69
CA LEU E 27 -4.98 17.71 -11.97
C LEU E 27 -6.04 18.32 -12.90
N SER E 28 -6.78 17.48 -13.64
CA SER E 28 -7.62 17.93 -14.74
C SER E 28 -9.05 18.28 -14.28
N GLY E 29 -9.19 18.66 -12.98
CA GLY E 29 -10.44 19.25 -12.48
C GLY E 29 -11.40 18.10 -12.30
N PRO E 30 -12.65 18.34 -11.90
CA PRO E 30 -13.56 17.22 -11.69
C PRO E 30 -14.13 16.60 -12.96
N MET E 31 -14.08 17.35 -14.08
CA MET E 31 -14.62 16.86 -15.34
C MET E 31 -13.66 17.26 -16.45
N ALA E 32 -13.30 16.30 -17.31
CA ALA E 32 -12.43 16.59 -18.45
C ALA E 32 -12.72 15.61 -19.56
N ALA E 33 -12.25 15.94 -20.76
CA ALA E 33 -12.44 15.06 -21.89
C ALA E 33 -11.35 13.98 -21.91
N TYR E 34 -11.75 12.73 -22.14
CA TYR E 34 -10.86 11.60 -22.23
C TYR E 34 -11.19 10.84 -23.52
N VAL E 35 -10.16 10.23 -24.11
CA VAL E 35 -10.28 9.56 -25.40
C VAL E 35 -10.22 8.05 -25.16
N ASN E 36 -11.21 7.33 -25.68
CA ASN E 36 -11.24 5.87 -25.59
C ASN E 36 -10.44 5.26 -26.74
N PRO E 37 -10.27 3.92 -26.77
CA PRO E 37 -9.33 3.29 -27.70
C PRO E 37 -9.69 3.43 -29.17
N HIS E 38 -10.94 3.81 -29.46
CA HIS E 38 -11.48 3.83 -30.79
C HIS E 38 -11.77 5.27 -31.23
N GLY E 39 -11.42 6.25 -30.41
CA GLY E 39 -11.57 7.65 -30.82
C GLY E 39 -12.84 8.31 -30.31
N TYR E 40 -13.60 7.67 -29.40
CA TYR E 40 -14.76 8.30 -28.79
C TYR E 40 -14.27 9.12 -27.59
N VAL E 41 -14.77 10.35 -27.49
CA VAL E 41 -14.38 11.27 -26.45
C VAL E 41 -15.51 11.38 -25.44
N HIS E 42 -15.17 11.12 -24.19
CA HIS E 42 -16.11 11.17 -23.10
C HIS E 42 -15.65 12.23 -22.11
N GLU E 43 -16.47 13.27 -21.93
CA GLU E 43 -16.29 14.21 -20.85
C GLU E 43 -16.78 13.55 -19.58
N THR E 44 -15.83 13.18 -18.73
CA THR E 44 -16.09 12.28 -17.64
C THR E 44 -15.98 13.06 -16.34
N LEU E 45 -17.09 13.05 -15.58
CA LEU E 45 -17.17 13.69 -14.28
C LEU E 45 -16.95 12.62 -13.20
N THR E 46 -16.05 12.86 -12.23
CA THR E 46 -15.80 11.93 -11.16
C THR E 46 -16.60 12.28 -9.90
N VAL E 47 -17.32 11.27 -9.40
CA VAL E 47 -18.18 11.40 -8.23
C VAL E 47 -17.88 10.22 -7.29
N TYR E 48 -17.98 10.47 -5.98
CA TYR E 48 -17.69 9.43 -5.01
C TYR E 48 -18.73 8.33 -5.04
N LYS E 49 -20.02 8.70 -5.12
CA LYS E 49 -21.10 7.74 -4.96
C LYS E 49 -22.11 7.98 -6.06
N ALA E 50 -22.68 6.88 -6.59
CA ALA E 50 -23.73 6.96 -7.58
C ALA E 50 -24.76 5.87 -7.28
N SER E 51 -26.02 6.09 -7.67
CA SER E 51 -27.09 5.14 -7.41
C SER E 51 -27.79 4.82 -8.72
N ASN E 52 -28.56 3.73 -8.70
CA ASN E 52 -29.53 3.40 -9.73
C ASN E 52 -28.83 3.02 -11.03
N LEU E 53 -27.62 2.47 -10.90
CA LEU E 53 -26.84 1.97 -12.02
C LEU E 53 -26.69 0.46 -11.90
N ASN E 54 -26.53 -0.21 -13.03
CA ASN E 54 -26.22 -1.61 -13.11
C ASN E 54 -24.88 -1.75 -13.79
N LEU E 55 -24.09 -2.72 -13.32
CA LEU E 55 -22.79 -3.02 -13.92
C LEU E 55 -22.85 -4.16 -14.91
N ILE E 56 -22.05 -4.06 -15.98
CA ILE E 56 -21.87 -5.08 -16.99
C ILE E 56 -20.46 -5.62 -16.84
N GLY E 57 -20.31 -6.92 -16.60
CA GLY E 57 -18.99 -7.54 -16.66
C GLY E 57 -18.18 -7.31 -15.38
N ARG E 58 -16.87 -7.53 -15.51
CA ARG E 58 -15.93 -7.51 -14.40
C ARG E 58 -14.94 -6.37 -14.63
N PRO E 59 -14.23 -5.87 -13.60
CA PRO E 59 -13.32 -4.74 -13.77
C PRO E 59 -12.22 -5.03 -14.79
N SER E 60 -11.85 -4.02 -15.58
CA SER E 60 -10.72 -4.10 -16.49
C SER E 60 -9.82 -2.87 -16.34
N THR E 61 -8.48 -3.07 -16.48
CA THR E 61 -7.54 -1.95 -16.50
C THR E 61 -7.23 -1.50 -17.93
N GLU E 62 -7.84 -2.09 -18.95
CA GLU E 62 -7.51 -1.73 -20.33
C GLU E 62 -7.74 -0.25 -20.64
N HIS E 63 -6.69 0.47 -21.06
CA HIS E 63 -6.80 1.86 -21.45
C HIS E 63 -7.46 2.70 -20.36
N SER E 64 -7.23 2.33 -19.08
CA SER E 64 -7.79 3.07 -17.98
C SER E 64 -7.28 4.50 -18.00
N TRP E 65 -8.22 5.45 -17.84
CA TRP E 65 -7.88 6.85 -17.82
C TRP E 65 -7.31 7.30 -16.47
N PHE E 66 -7.46 6.45 -15.45
CA PHE E 66 -7.08 6.77 -14.08
C PHE E 66 -6.15 5.67 -13.60
N PRO E 67 -4.84 5.79 -13.79
CA PRO E 67 -3.91 4.73 -13.43
C PRO E 67 -4.03 4.31 -11.96
N GLY E 68 -4.02 3.00 -11.74
CA GLY E 68 -4.31 2.43 -10.43
C GLY E 68 -5.77 1.99 -10.28
N TYR E 69 -6.63 2.35 -11.26
CA TYR E 69 -8.02 1.94 -11.20
C TYR E 69 -8.40 1.12 -12.42
N ALA E 70 -9.32 0.19 -12.17
CA ALA E 70 -10.02 -0.60 -13.18
C ALA E 70 -11.41 -0.05 -13.39
N TRP E 71 -11.97 -0.20 -14.59
CA TRP E 71 -13.31 0.28 -14.91
C TRP E 71 -14.25 -0.91 -15.07
N THR E 72 -15.52 -0.66 -14.75
CA THR E 72 -16.63 -1.54 -15.06
C THR E 72 -17.76 -0.68 -15.65
N VAL E 73 -18.28 -1.06 -16.83
CA VAL E 73 -19.33 -0.30 -17.48
C VAL E 73 -20.56 -0.23 -16.61
N ALA E 74 -21.18 0.97 -16.56
CA ALA E 74 -22.35 1.29 -15.75
C ALA E 74 -23.46 1.86 -16.63
N GLN E 75 -24.65 1.26 -16.49
CA GLN E 75 -25.84 1.57 -17.25
C GLN E 75 -26.98 1.95 -16.31
N CYS E 76 -27.88 2.79 -16.82
CA CYS E 76 -29.09 3.16 -16.13
C CYS E 76 -29.87 1.87 -15.82
N LYS E 77 -30.29 1.72 -14.57
CA LYS E 77 -31.06 0.55 -14.22
C LYS E 77 -32.42 0.49 -14.91
N ILE E 78 -33.01 1.65 -15.25
CA ILE E 78 -34.32 1.65 -15.90
C ILE E 78 -34.23 1.29 -17.39
N CYS E 79 -33.38 2.03 -18.14
CA CYS E 79 -33.44 2.06 -19.59
C CYS E 79 -32.20 1.47 -20.24
N ALA E 80 -31.22 1.10 -19.43
CA ALA E 80 -29.99 0.46 -19.87
C ALA E 80 -29.06 1.39 -20.66
N SER E 81 -29.36 2.69 -20.71
CA SER E 81 -28.48 3.61 -21.43
C SER E 81 -27.12 3.66 -20.72
N HIS E 82 -26.05 3.76 -21.50
CA HIS E 82 -24.72 3.93 -20.93
C HIS E 82 -24.61 5.24 -20.15
N ILE E 83 -24.20 5.15 -18.89
CA ILE E 83 -24.02 6.33 -18.05
C ILE E 83 -22.53 6.61 -17.79
N GLY E 84 -21.74 5.57 -17.58
CA GLY E 84 -20.32 5.81 -17.32
C GLY E 84 -19.65 4.50 -16.92
N TRP E 85 -18.85 4.58 -15.87
CA TRP E 85 -18.06 3.44 -15.43
C TRP E 85 -17.89 3.57 -13.93
N LYS E 86 -17.92 2.43 -13.24
CA LYS E 86 -17.43 2.37 -11.88
C LYS E 86 -15.93 2.13 -11.94
N PHE E 87 -15.19 2.90 -11.14
CA PHE E 87 -13.74 2.69 -11.04
C PHE E 87 -13.37 2.11 -9.69
N THR E 88 -12.54 1.06 -9.69
CA THR E 88 -12.17 0.34 -8.49
C THR E 88 -10.66 0.23 -8.43
N ALA E 89 -10.11 0.48 -7.24
CA ALA E 89 -8.66 0.50 -7.09
C ALA E 89 -8.10 -0.89 -7.35
N THR E 90 -6.89 -0.95 -7.92
CA THR E 90 -6.21 -2.22 -8.13
C THR E 90 -5.16 -2.43 -7.06
N LYS E 91 -5.03 -1.51 -6.10
CA LYS E 91 -4.11 -1.66 -4.98
C LYS E 91 -4.61 -0.86 -3.77
N LYS E 92 -4.18 -1.29 -2.56
CA LYS E 92 -4.74 -0.75 -1.35
C LYS E 92 -4.31 0.70 -1.10
N ASP E 93 -3.22 1.20 -1.67
CA ASP E 93 -2.83 2.55 -1.29
C ASP E 93 -3.63 3.62 -2.02
N MET E 94 -4.53 3.25 -2.94
CA MET E 94 -5.28 4.24 -3.70
C MET E 94 -6.33 4.85 -2.77
N SER E 95 -6.55 6.16 -2.87
CA SER E 95 -7.70 6.75 -2.21
C SER E 95 -8.39 7.73 -3.15
N PRO E 96 -9.71 7.65 -3.42
CA PRO E 96 -10.59 6.64 -2.84
C PRO E 96 -10.42 5.25 -3.46
N GLN E 97 -10.94 4.24 -2.79
CA GLN E 97 -10.87 2.87 -3.29
C GLN E 97 -11.84 2.66 -4.45
N LYS E 98 -12.89 3.45 -4.51
CA LYS E 98 -13.84 3.36 -5.60
C LYS E 98 -14.49 4.73 -5.80
N PHE E 99 -14.84 4.96 -7.07
CA PHE E 99 -15.57 6.14 -7.47
C PHE E 99 -16.24 5.82 -8.81
N TRP E 100 -17.04 6.76 -9.30
CA TRP E 100 -17.73 6.62 -10.57
C TRP E 100 -17.27 7.75 -11.50
N GLY E 101 -17.07 7.39 -12.76
CA GLY E 101 -16.86 8.37 -13.83
C GLY E 101 -18.10 8.38 -14.71
N LEU E 102 -18.84 9.49 -14.68
CA LEU E 102 -20.07 9.62 -15.43
C LEU E 102 -19.87 10.48 -16.66
N THR E 103 -20.41 10.04 -17.79
CA THR E 103 -20.18 10.78 -19.01
C THR E 103 -21.22 11.90 -19.08
N ARG E 104 -20.75 13.12 -19.37
CA ARG E 104 -21.59 14.30 -19.39
C ARG E 104 -22.81 14.13 -20.28
N SER E 105 -22.66 13.50 -21.46
CA SER E 105 -23.74 13.48 -22.43
C SER E 105 -24.87 12.53 -22.03
N ALA E 106 -24.65 11.73 -20.97
CA ALA E 106 -25.65 10.79 -20.49
C ALA E 106 -26.54 11.39 -19.40
N LEU E 107 -26.22 12.58 -18.89
CA LEU E 107 -26.90 13.10 -17.70
C LEU E 107 -27.64 14.39 -18.03
N LEU E 108 -28.76 14.58 -17.33
CA LEU E 108 -29.43 15.88 -17.26
C LEU E 108 -29.59 16.29 -15.81
N PRO E 109 -29.43 17.57 -15.44
CA PRO E 109 -29.07 18.63 -16.38
C PRO E 109 -27.66 18.51 -16.94
N THR E 110 -27.44 19.29 -18.01
CA THR E 110 -26.13 19.40 -18.62
C THR E 110 -25.19 20.10 -17.63
N ILE E 111 -24.05 19.47 -17.35
CA ILE E 111 -23.04 20.00 -16.42
C ILE E 111 -21.91 20.72 -17.18
N GLU F 3 -16.05 -15.77 -22.70
CA GLU F 3 -17.39 -15.77 -22.03
C GLU F 3 -18.17 -14.57 -22.57
N ARG F 4 -17.50 -13.41 -22.78
CA ARG F 4 -18.14 -12.23 -23.38
C ARG F 4 -17.25 -11.67 -24.50
N PRO F 5 -17.18 -12.30 -25.69
CA PRO F 5 -16.19 -11.92 -26.68
C PRO F 5 -16.50 -10.65 -27.47
N PHE F 6 -17.74 -10.12 -27.44
CA PHE F 6 -18.11 -9.03 -28.32
C PHE F 6 -18.16 -7.71 -27.55
N HIS F 7 -17.38 -6.71 -27.98
CA HIS F 7 -17.22 -5.47 -27.22
C HIS F 7 -17.74 -4.26 -27.99
N CYS F 8 -18.45 -3.38 -27.27
CA CYS F 8 -18.88 -2.10 -27.79
C CYS F 8 -17.70 -1.13 -27.82
N ASN F 9 -17.48 -0.55 -28.99
CA ASN F 9 -16.35 0.33 -29.14
C ASN F 9 -16.59 1.72 -28.53
N GLN F 10 -17.83 2.06 -28.16
CA GLN F 10 -18.08 3.36 -27.56
C GLN F 10 -17.87 3.33 -26.05
N CYS F 11 -18.16 2.22 -25.36
CA CYS F 11 -18.14 2.24 -23.89
C CYS F 11 -17.39 1.09 -23.25
N GLY F 12 -17.15 0.03 -24.03
CA GLY F 12 -16.46 -1.13 -23.54
C GLY F 12 -17.36 -2.22 -22.99
N ALA F 13 -18.68 -2.06 -23.05
CA ALA F 13 -19.63 -3.09 -22.69
C ALA F 13 -19.38 -4.36 -23.51
N SER F 14 -19.47 -5.52 -22.85
CA SER F 14 -19.11 -6.78 -23.48
C SER F 14 -20.33 -7.71 -23.45
N PHE F 15 -20.40 -8.63 -24.41
CA PHE F 15 -21.59 -9.43 -24.64
C PHE F 15 -21.20 -10.85 -25.03
N THR F 16 -22.02 -11.83 -24.63
CA THR F 16 -21.83 -13.19 -25.08
C THR F 16 -22.39 -13.37 -26.49
N GLN F 17 -23.49 -12.69 -26.81
CA GLN F 17 -24.09 -12.83 -28.12
C GLN F 17 -23.87 -11.56 -28.93
N LYS F 18 -23.33 -11.76 -30.13
CA LYS F 18 -23.06 -10.66 -31.04
C LYS F 18 -24.35 -9.89 -31.32
N GLY F 19 -25.48 -10.61 -31.40
CA GLY F 19 -26.74 -9.96 -31.68
C GLY F 19 -27.12 -8.91 -30.63
N ASN F 20 -26.74 -9.16 -29.38
CA ASN F 20 -27.01 -8.21 -28.31
C ASN F 20 -26.07 -7.01 -28.40
N LEU F 21 -24.82 -7.23 -28.84
CA LEU F 21 -23.92 -6.13 -29.14
C LEU F 21 -24.53 -5.22 -30.20
N LEU F 22 -25.13 -5.78 -31.25
CA LEU F 22 -25.59 -4.94 -32.34
C LEU F 22 -26.69 -4.03 -31.81
N ARG F 23 -27.56 -4.59 -30.97
CA ARG F 23 -28.68 -3.82 -30.43
C ARG F 23 -28.14 -2.71 -29.51
N HIS F 24 -27.16 -3.07 -28.70
CA HIS F 24 -26.58 -2.15 -27.74
C HIS F 24 -25.95 -0.97 -28.50
N ILE F 25 -25.23 -1.26 -29.58
CA ILE F 25 -24.60 -0.15 -30.31
C ILE F 25 -25.69 0.79 -30.85
N LYS F 26 -26.74 0.22 -31.43
CA LYS F 26 -27.83 1.03 -31.94
C LYS F 26 -28.38 1.94 -30.85
N LEU F 27 -28.48 1.44 -29.61
CA LEU F 27 -29.12 2.19 -28.54
C LEU F 27 -28.20 3.30 -28.02
N HIS F 28 -26.91 3.35 -28.42
CA HIS F 28 -26.11 4.54 -28.12
C HIS F 28 -26.63 5.80 -28.81
N SER F 29 -27.30 5.63 -29.97
CA SER F 29 -28.24 6.64 -30.49
C SER F 29 -29.59 6.47 -29.78
N GLY G 1 -56.93 -16.38 -24.57
CA GLY G 1 -56.45 -16.71 -23.22
C GLY G 1 -55.97 -15.49 -22.45
N PRO G 2 -55.72 -15.65 -21.13
CA PRO G 2 -55.22 -14.55 -20.31
C PRO G 2 -53.92 -13.98 -20.86
N SER G 3 -53.77 -12.64 -20.81
CA SER G 3 -52.64 -11.98 -21.48
C SER G 3 -52.19 -10.75 -20.69
N THR G 4 -52.70 -10.59 -19.47
CA THR G 4 -52.35 -9.46 -18.63
C THR G 4 -51.05 -9.68 -17.88
N SER G 5 -50.59 -8.60 -17.24
CA SER G 5 -49.23 -8.55 -16.76
C SER G 5 -49.10 -9.20 -15.39
N LEU G 6 -47.90 -9.75 -15.18
CA LEU G 6 -47.38 -10.07 -13.87
C LEU G 6 -46.22 -9.11 -13.58
N SER G 7 -46.28 -8.52 -12.37
CA SER G 7 -45.46 -7.37 -11.99
C SER G 7 -44.75 -7.68 -10.68
N CYS G 8 -43.67 -6.94 -10.43
CA CYS G 8 -42.91 -7.08 -9.19
C CYS G 8 -43.77 -6.69 -7.99
N LYS G 9 -43.96 -7.64 -7.06
CA LYS G 9 -44.78 -7.42 -5.89
C LYS G 9 -44.17 -6.38 -4.96
N GLN G 10 -42.84 -6.35 -4.88
CA GLN G 10 -42.16 -5.55 -3.86
C GLN G 10 -42.18 -4.06 -4.22
N CYS G 11 -41.92 -3.70 -5.49
CA CYS G 11 -41.90 -2.27 -5.84
C CYS G 11 -43.20 -1.84 -6.54
N GLN G 12 -43.88 -2.77 -7.22
CA GLN G 12 -45.06 -2.48 -8.00
C GLN G 12 -44.78 -1.37 -9.01
N GLU G 13 -43.57 -1.35 -9.58
CA GLU G 13 -43.21 -0.31 -10.54
C GLU G 13 -42.78 -0.91 -11.87
N THR G 14 -42.78 -2.24 -12.04
CA THR G 14 -42.46 -2.78 -13.35
C THR G 14 -43.15 -4.11 -13.59
N GLU G 15 -43.56 -4.26 -14.84
CA GLU G 15 -44.08 -5.50 -15.39
C GLU G 15 -42.90 -6.42 -15.66
N ILE G 16 -43.09 -7.72 -15.42
CA ILE G 16 -42.05 -8.72 -15.63
C ILE G 16 -42.39 -9.63 -16.80
N THR G 17 -43.65 -10.05 -16.90
CA THR G 17 -44.08 -10.90 -17.99
C THR G 17 -45.59 -10.76 -18.14
N THR G 18 -46.17 -11.56 -19.04
CA THR G 18 -47.62 -11.57 -19.26
C THR G 18 -48.08 -13.01 -19.23
N LYS G 19 -49.37 -13.21 -18.93
CA LYS G 19 -49.91 -14.54 -18.71
C LYS G 19 -49.91 -15.40 -19.98
N ASN G 20 -49.80 -14.76 -21.17
CA ASN G 20 -49.77 -15.54 -22.41
C ASN G 20 -48.35 -16.07 -22.67
N GLU G 21 -47.40 -15.85 -21.76
CA GLU G 21 -46.07 -16.44 -21.85
C GLU G 21 -45.95 -17.75 -21.11
N ILE G 22 -46.97 -18.11 -20.34
CA ILE G 22 -46.93 -19.29 -19.48
C ILE G 22 -46.98 -20.57 -20.32
N PHE G 23 -46.13 -21.53 -19.99
CA PHE G 23 -46.14 -22.84 -20.64
C PHE G 23 -45.74 -23.90 -19.62
N SER G 24 -46.11 -25.14 -19.90
CA SER G 24 -45.72 -26.28 -19.09
C SER G 24 -44.48 -26.95 -19.69
N LEU G 25 -43.38 -26.94 -18.96
CA LEU G 25 -42.14 -27.55 -19.42
C LEU G 25 -42.15 -29.04 -19.15
N SER G 26 -42.75 -29.43 -18.03
CA SER G 26 -42.74 -30.80 -17.59
C SER G 26 -44.17 -31.21 -17.23
N LEU G 27 -44.25 -32.39 -16.66
CA LEU G 27 -45.49 -33.04 -16.28
C LEU G 27 -46.15 -32.27 -15.14
N SER G 28 -45.36 -31.48 -14.40
CA SER G 28 -45.83 -30.84 -13.19
C SER G 28 -46.56 -29.52 -13.47
N GLY G 29 -46.98 -29.31 -14.74
CA GLY G 29 -47.95 -28.26 -15.10
C GLY G 29 -47.15 -26.98 -15.16
N PRO G 30 -47.73 -25.79 -15.35
CA PRO G 30 -46.90 -24.60 -15.51
C PRO G 30 -46.29 -24.09 -14.22
N MET G 31 -46.86 -24.42 -13.07
CA MET G 31 -46.36 -23.92 -11.82
C MET G 31 -46.40 -25.05 -10.79
N ALA G 32 -45.30 -25.29 -10.09
CA ALA G 32 -45.25 -26.29 -9.05
C ALA G 32 -44.27 -25.83 -7.98
N ALA G 33 -44.34 -26.47 -6.80
CA ALA G 33 -43.39 -26.19 -5.73
C ALA G 33 -42.12 -27.01 -5.96
N TYR G 34 -40.96 -26.32 -5.85
CA TYR G 34 -39.64 -26.92 -5.92
C TYR G 34 -38.86 -26.55 -4.66
N VAL G 35 -38.00 -27.48 -4.24
CA VAL G 35 -37.25 -27.32 -3.00
C VAL G 35 -35.80 -27.04 -3.36
N ASN G 36 -35.23 -25.97 -2.77
CA ASN G 36 -33.85 -25.61 -3.00
C ASN G 36 -32.93 -26.34 -2.02
N PRO G 37 -31.59 -26.23 -2.16
CA PRO G 37 -30.67 -27.02 -1.34
C PRO G 37 -30.75 -26.82 0.17
N HIS G 38 -31.34 -25.71 0.63
CA HIS G 38 -31.33 -25.29 2.01
C HIS G 38 -32.74 -25.36 2.59
N GLY G 39 -33.71 -25.88 1.84
CA GLY G 39 -35.06 -26.11 2.31
C GLY G 39 -36.02 -24.95 2.07
N TYR G 40 -35.66 -24.00 1.20
CA TYR G 40 -36.60 -22.98 0.76
C TYR G 40 -37.43 -23.54 -0.39
N VAL G 41 -38.74 -23.32 -0.33
CA VAL G 41 -39.62 -23.85 -1.34
C VAL G 41 -40.10 -22.68 -2.20
N HIS G 42 -39.93 -22.84 -3.50
CA HIS G 42 -40.30 -21.83 -4.47
C HIS G 42 -41.35 -22.44 -5.40
N GLU G 43 -42.55 -21.84 -5.43
CA GLU G 43 -43.55 -22.18 -6.44
C GLU G 43 -43.20 -21.43 -7.70
N THR G 44 -42.71 -22.18 -8.69
CA THR G 44 -41.98 -21.60 -9.79
C THR G 44 -42.86 -21.77 -11.04
N LEU G 45 -43.19 -20.63 -11.64
CA LEU G 45 -43.98 -20.56 -12.86
C LEU G 45 -43.03 -20.43 -14.05
N THR G 46 -43.21 -21.26 -15.08
CA THR G 46 -42.35 -21.20 -16.26
C THR G 46 -43.02 -20.39 -17.38
N VAL G 47 -42.29 -19.40 -17.89
CA VAL G 47 -42.70 -18.50 -18.96
C VAL G 47 -41.60 -18.41 -19.99
N TYR G 48 -41.98 -18.24 -21.27
CA TYR G 48 -41.00 -18.20 -22.33
C TYR G 48 -40.15 -16.92 -22.28
N LYS G 49 -40.77 -15.76 -22.06
CA LYS G 49 -40.13 -14.46 -22.18
C LYS G 49 -40.47 -13.63 -20.95
N ALA G 50 -39.48 -12.84 -20.49
CA ALA G 50 -39.68 -11.93 -19.39
C ALA G 50 -38.86 -10.67 -19.64
N SER G 51 -39.28 -9.55 -19.05
CA SER G 51 -38.64 -8.26 -19.23
C SER G 51 -38.33 -7.67 -17.86
N ASN G 52 -37.46 -6.65 -17.86
CA ASN G 52 -37.24 -5.79 -16.69
C ASN G 52 -36.54 -6.50 -15.54
N LEU G 53 -35.76 -7.52 -15.88
CA LEU G 53 -34.98 -8.28 -14.92
C LEU G 53 -33.51 -8.08 -15.19
N ASN G 54 -32.71 -8.08 -14.12
CA ASN G 54 -31.27 -8.08 -14.21
C ASN G 54 -30.77 -9.41 -13.70
N LEU G 55 -29.72 -9.92 -14.35
CA LEU G 55 -29.12 -11.18 -13.92
C LEU G 55 -27.93 -10.95 -13.00
N ILE G 56 -27.76 -11.86 -12.05
CA ILE G 56 -26.67 -11.85 -11.10
C ILE G 56 -25.86 -13.11 -11.30
N GLY G 57 -24.55 -12.96 -11.43
CA GLY G 57 -23.64 -14.09 -11.43
C GLY G 57 -23.70 -14.80 -12.78
N ARG G 58 -23.26 -16.06 -12.81
CA ARG G 58 -23.11 -16.82 -14.04
C ARG G 58 -24.07 -17.99 -13.99
N PRO G 59 -24.39 -18.69 -15.11
CA PRO G 59 -25.27 -19.83 -15.03
C PRO G 59 -24.66 -20.97 -14.22
N SER G 60 -25.52 -21.78 -13.62
CA SER G 60 -25.06 -22.93 -12.87
C SER G 60 -26.04 -24.08 -13.06
N THR G 61 -25.55 -25.32 -13.09
CA THR G 61 -26.47 -26.46 -13.14
C THR G 61 -26.71 -27.05 -11.73
N GLU G 62 -26.15 -26.45 -10.68
CA GLU G 62 -26.25 -27.00 -9.33
C GLU G 62 -27.69 -27.09 -8.86
N HIS G 63 -28.16 -28.31 -8.54
CA HIS G 63 -29.51 -28.54 -8.04
C HIS G 63 -30.60 -27.99 -8.98
N SER G 64 -30.31 -28.02 -10.28
CA SER G 64 -31.27 -27.53 -11.24
C SER G 64 -32.55 -28.34 -11.13
N TRP G 65 -33.69 -27.66 -11.06
CA TRP G 65 -34.96 -28.32 -11.04
C TRP G 65 -35.38 -28.84 -12.41
N PHE G 66 -34.72 -28.34 -13.45
CA PHE G 66 -35.07 -28.66 -14.82
C PHE G 66 -33.85 -29.28 -15.50
N PRO G 67 -33.68 -30.60 -15.41
CA PRO G 67 -32.48 -31.22 -15.93
C PRO G 67 -32.26 -30.88 -17.41
N GLY G 68 -31.01 -30.53 -17.71
CA GLY G 68 -30.60 -30.06 -19.01
C GLY G 68 -30.51 -28.53 -19.08
N TYR G 69 -30.96 -27.85 -18.02
CA TYR G 69 -30.93 -26.41 -18.00
C TYR G 69 -30.09 -25.93 -16.82
N ALA G 70 -29.41 -24.81 -17.07
CA ALA G 70 -28.70 -24.06 -16.05
C ALA G 70 -29.53 -22.85 -15.63
N TRP G 71 -29.36 -22.43 -14.37
CA TRP G 71 -30.06 -21.26 -13.84
C TRP G 71 -29.11 -20.07 -13.64
N THR G 72 -29.66 -18.87 -13.81
CA THR G 72 -29.01 -17.63 -13.46
C THR G 72 -30.04 -16.80 -12.66
N VAL G 73 -29.64 -16.35 -11.46
CA VAL G 73 -30.52 -15.53 -10.63
C VAL G 73 -30.96 -14.27 -11.35
N ALA G 74 -32.26 -13.97 -11.21
CA ALA G 74 -32.92 -12.84 -11.86
C ALA G 74 -33.59 -11.97 -10.80
N GLN G 75 -33.28 -10.66 -10.83
CA GLN G 75 -33.79 -9.69 -9.87
C GLN G 75 -34.51 -8.57 -10.60
N CYS G 76 -35.47 -7.93 -9.91
CA CYS G 76 -36.15 -6.79 -10.49
C CYS G 76 -35.17 -5.66 -10.78
N LYS G 77 -35.28 -5.06 -11.97
CA LYS G 77 -34.35 -4.00 -12.36
C LYS G 77 -34.52 -2.77 -11.46
N ILE G 78 -35.73 -2.55 -10.95
CA ILE G 78 -35.98 -1.36 -10.14
C ILE G 78 -35.46 -1.53 -8.72
N CYS G 79 -35.92 -2.57 -8.02
CA CYS G 79 -35.74 -2.69 -6.58
C CYS G 79 -34.79 -3.81 -6.18
N ALA G 80 -34.28 -4.60 -7.16
CA ALA G 80 -33.34 -5.70 -6.95
C ALA G 80 -33.92 -6.88 -6.15
N SER G 81 -35.23 -6.90 -5.94
CA SER G 81 -35.91 -8.03 -5.32
C SER G 81 -35.78 -9.28 -6.18
N HIS G 82 -35.58 -10.41 -5.53
CA HIS G 82 -35.45 -11.68 -6.23
C HIS G 82 -36.77 -12.02 -6.89
N ILE G 83 -36.74 -12.27 -8.18
CA ILE G 83 -37.95 -12.65 -8.92
C ILE G 83 -37.92 -14.12 -9.32
N GLY G 84 -36.77 -14.64 -9.72
CA GLY G 84 -36.73 -16.02 -10.14
C GLY G 84 -35.36 -16.31 -10.74
N TRP G 85 -35.36 -17.03 -11.85
CA TRP G 85 -34.14 -17.41 -12.51
C TRP G 85 -34.41 -17.46 -14.00
N LYS G 86 -33.36 -17.16 -14.76
CA LYS G 86 -33.35 -17.48 -16.17
C LYS G 86 -32.78 -18.88 -16.31
N PHE G 87 -33.44 -19.72 -17.10
CA PHE G 87 -32.94 -21.04 -17.41
C PHE G 87 -32.47 -21.11 -18.86
N THR G 88 -31.29 -21.70 -19.06
CA THR G 88 -30.66 -21.75 -20.36
C THR G 88 -30.18 -23.17 -20.61
N ALA G 89 -30.45 -23.67 -21.82
CA ALA G 89 -30.16 -25.05 -22.15
C ALA G 89 -28.67 -25.25 -22.14
N THR G 90 -28.26 -26.44 -21.68
CA THR G 90 -26.86 -26.84 -21.71
C THR G 90 -26.52 -27.64 -22.96
N LYS G 91 -27.51 -27.97 -23.78
CA LYS G 91 -27.25 -28.65 -25.05
C LYS G 91 -28.30 -28.23 -26.07
N LYS G 92 -27.98 -28.49 -27.34
CA LYS G 92 -28.72 -27.92 -28.45
C LYS G 92 -30.05 -28.64 -28.67
N ASP G 93 -30.19 -29.90 -28.23
CA ASP G 93 -31.36 -30.67 -28.61
C ASP G 93 -32.55 -30.35 -27.70
N MET G 94 -32.41 -29.40 -26.78
CA MET G 94 -33.50 -29.07 -25.87
C MET G 94 -34.33 -27.97 -26.49
N SER G 95 -35.62 -28.05 -26.18
CA SER G 95 -36.52 -26.99 -26.56
C SER G 95 -37.46 -26.69 -25.40
N PRO G 96 -37.63 -25.42 -24.97
CA PRO G 96 -36.97 -24.27 -25.57
C PRO G 96 -35.54 -24.11 -25.10
N GLN G 97 -34.77 -23.29 -25.81
CA GLN G 97 -33.37 -23.07 -25.48
C GLN G 97 -33.24 -22.23 -24.22
N LYS G 98 -34.27 -21.44 -23.91
CA LYS G 98 -34.24 -20.61 -22.72
C LYS G 98 -35.67 -20.31 -22.33
N PHE G 99 -35.84 -20.05 -21.04
CA PHE G 99 -37.12 -19.68 -20.47
C PHE G 99 -36.81 -19.07 -19.11
N TRP G 100 -37.85 -18.61 -18.43
CA TRP G 100 -37.69 -18.06 -17.09
C TRP G 100 -38.58 -18.83 -16.11
N GLY G 101 -38.05 -19.08 -14.92
CA GLY G 101 -38.81 -19.60 -13.80
C GLY G 101 -39.00 -18.51 -12.77
N LEU G 102 -40.24 -18.03 -12.63
CA LEU G 102 -40.54 -16.92 -11.74
C LEU G 102 -41.23 -17.45 -10.49
N THR G 103 -40.81 -16.91 -9.36
CA THR G 103 -41.39 -17.39 -8.11
C THR G 103 -42.71 -16.66 -7.81
N ARG G 104 -43.71 -17.45 -7.42
CA ARG G 104 -45.05 -16.93 -7.25
C ARG G 104 -45.10 -15.80 -6.22
N SER G 105 -44.33 -15.92 -5.14
CA SER G 105 -44.37 -14.94 -4.06
C SER G 105 -43.75 -13.60 -4.44
N ALA G 106 -43.04 -13.54 -5.59
CA ALA G 106 -42.43 -12.29 -6.02
C ALA G 106 -43.35 -11.47 -6.93
N LEU G 107 -44.48 -12.03 -7.38
CA LEU G 107 -45.27 -11.41 -8.44
C LEU G 107 -46.69 -11.08 -7.97
N LEU G 108 -47.25 -10.06 -8.60
CA LEU G 108 -48.69 -9.74 -8.55
C LEU G 108 -49.24 -9.67 -9.96
N PRO G 109 -50.51 -10.09 -10.19
CA PRO G 109 -51.31 -10.75 -9.16
C PRO G 109 -50.78 -12.11 -8.72
N THR G 110 -51.37 -12.61 -7.61
CA THR G 110 -51.02 -13.92 -7.07
C THR G 110 -51.59 -14.99 -7.99
N ILE G 111 -50.69 -15.75 -8.62
CA ILE G 111 -51.10 -16.79 -9.56
C ILE G 111 -51.52 -18.07 -8.80
N GLU H 3 -14.21 -15.64 -7.18
CA GLU H 3 -14.57 -14.25 -7.56
C GLU H 3 -15.87 -13.83 -6.87
N ARG H 4 -16.82 -14.78 -6.70
CA ARG H 4 -18.06 -14.45 -5.99
C ARG H 4 -18.33 -15.55 -4.98
N PRO H 5 -17.56 -15.63 -3.87
CA PRO H 5 -17.59 -16.78 -3.00
C PRO H 5 -18.73 -16.82 -1.98
N PHE H 6 -19.51 -15.75 -1.83
CA PHE H 6 -20.56 -15.77 -0.82
C PHE H 6 -21.92 -15.98 -1.47
N HIS H 7 -22.68 -16.96 -0.99
CA HIS H 7 -23.92 -17.31 -1.67
C HIS H 7 -25.14 -17.15 -0.78
N CYS H 8 -26.24 -16.64 -1.37
CA CYS H 8 -27.52 -16.55 -0.69
C CYS H 8 -28.19 -17.91 -0.66
N ASN H 9 -28.58 -18.36 0.52
CA ASN H 9 -29.19 -19.67 0.63
C ASN H 9 -30.67 -19.70 0.19
N GLN H 10 -31.29 -18.54 -0.05
CA GLN H 10 -32.67 -18.54 -0.54
C GLN H 10 -32.76 -18.60 -2.05
N CYS H 11 -31.80 -17.99 -2.78
CA CYS H 11 -31.94 -17.90 -4.24
C CYS H 11 -30.72 -18.31 -5.05
N GLY H 12 -29.55 -18.41 -4.42
CA GLY H 12 -28.33 -18.76 -5.09
C GLY H 12 -27.52 -17.57 -5.59
N ALA H 13 -27.97 -16.34 -5.34
CA ALA H 13 -27.22 -15.15 -5.71
C ALA H 13 -25.85 -15.22 -5.07
N SER H 14 -24.80 -14.82 -5.82
CA SER H 14 -23.43 -14.86 -5.32
C SER H 14 -22.87 -13.45 -5.30
N PHE H 15 -21.95 -13.21 -4.37
CA PHE H 15 -21.40 -11.89 -4.07
C PHE H 15 -19.89 -11.98 -3.84
N THR H 16 -19.19 -10.91 -4.27
CA THR H 16 -17.76 -10.77 -3.99
C THR H 16 -17.54 -10.40 -2.52
N GLN H 17 -18.39 -9.50 -2.04
CA GLN H 17 -18.26 -8.92 -0.70
C GLN H 17 -19.34 -9.51 0.21
N LYS H 18 -18.91 -10.11 1.31
CA LYS H 18 -19.85 -10.71 2.23
C LYS H 18 -20.84 -9.66 2.73
N GLY H 19 -20.38 -8.43 2.90
CA GLY H 19 -21.28 -7.38 3.39
C GLY H 19 -22.48 -7.17 2.47
N ASN H 20 -22.28 -7.40 1.16
CA ASN H 20 -23.34 -7.25 0.19
C ASN H 20 -24.31 -8.44 0.32
N LEU H 21 -23.76 -9.64 0.57
CA LEU H 21 -24.60 -10.81 0.86
C LEU H 21 -25.53 -10.52 2.04
N LEU H 22 -25.01 -9.93 3.11
CA LEU H 22 -25.82 -9.71 4.30
C LEU H 22 -27.00 -8.80 3.97
N ARG H 23 -26.74 -7.73 3.21
CA ARG H 23 -27.82 -6.81 2.82
C ARG H 23 -28.86 -7.54 1.95
N HIS H 24 -28.38 -8.32 0.99
CA HIS H 24 -29.23 -9.07 0.08
C HIS H 24 -30.15 -10.01 0.86
N ILE H 25 -29.60 -10.73 1.84
CA ILE H 25 -30.42 -11.68 2.59
C ILE H 25 -31.53 -10.91 3.32
N LYS H 26 -31.16 -9.80 3.94
CA LYS H 26 -32.12 -8.96 4.65
C LYS H 26 -33.26 -8.54 3.71
N LEU H 27 -32.94 -8.20 2.46
CA LEU H 27 -33.95 -7.69 1.55
C LEU H 27 -34.85 -8.81 1.05
N HIS H 28 -34.56 -10.08 1.34
CA HIS H 28 -35.54 -11.12 1.07
C HIS H 28 -36.75 -11.02 2.00
N SER H 29 -36.61 -10.33 3.14
CA SER H 29 -37.75 -9.74 3.81
C SER H 29 -38.08 -8.43 3.08
O1 A1CBH I . 21.35 12.61 -5.38
C1 A1CBH I . 21.30 11.66 -4.63
C2 A1CBH I . 22.25 11.52 -3.46
N1 A1CBH I . 22.58 12.85 -2.95
C3 A1CBH I . 23.82 13.39 -2.99
O2 A1CBH I . 24.83 12.76 -3.38
C4 A1CBH I . 21.57 13.78 -2.43
C5 A1CBH I . 22.40 14.97 -2.04
C6 A1CBH I . 23.71 14.72 -2.40
C7 A1CBH I . 24.70 15.66 -2.16
C8 A1CBH I . 24.34 16.83 -1.52
C9 A1CBH I . 23.01 17.13 -1.19
C10 A1CBH I . 22.68 18.40 -0.49
C11 A1CBH I . 21.56 18.54 0.35
C12 A1CBH I . 21.32 19.75 1.01
C13 A1CBH I . 20.13 19.90 1.93
N2 A1CBH I . 18.88 20.22 1.26
C14 A1CBH I . 17.77 20.23 2.18
C15 A1CBH I . 16.69 20.95 1.42
C16 A1CBH I . 17.43 21.86 0.47
C17 A1CBH I . 18.90 21.54 0.68
C18 A1CBH I . 22.25 20.76 0.81
C19 A1CBH I . 22.39 22.11 1.29
C20 A1CBH I . 23.51 22.62 0.74
N3 A1CBH I . 24.15 21.63 -0.03
C21 A1CBH I . 25.39 21.78 -0.79
C22 A1CBH I . 23.36 20.51 -0.01
N4 A1CBH I . 23.59 19.39 -0.66
C23 A1CBH I . 22.02 16.17 -1.46
C24 A1CBH I . 21.75 10.58 -2.36
C25 A1CBH I . 21.26 9.27 -2.98
N5 A1CBH I . 20.35 10.67 -4.78
C26 A1CBH I . 20.22 9.52 -4.04
O3 A1CBH I . 19.29 8.77 -4.25
ZN ZN J . 37.04 1.61 5.49
ZN ZN K . 30.61 13.43 1.47
O1 A1CBH L . 21.89 8.68 34.08
C1 A1CBH L . 22.71 8.99 33.25
C2 A1CBH L . 22.90 8.20 31.97
N1 A1CBH L . 21.61 7.62 31.56
C3 A1CBH L . 21.37 6.29 31.49
O2 A1CBH L . 22.22 5.44 31.69
C4 A1CBH L . 20.41 8.43 31.30
C5 A1CBH L . 19.39 7.39 30.98
C6 A1CBH L . 19.97 6.14 31.09
C7 A1CBH L . 19.25 4.98 30.81
C8 A1CBH L . 17.94 5.13 30.37
C9 A1CBH L . 17.35 6.39 30.21
C10 A1CBH L . 15.97 6.46 29.68
C11 A1CBH L . 15.45 7.63 29.04
C12 A1CBH L . 14.15 7.63 28.53
C13 A1CBH L . 13.60 8.87 27.86
N2 A1CBH L . 13.06 9.83 28.82
C14 A1CBH L . 12.63 11.06 28.21
C15 A1CBH L . 11.65 11.69 29.19
C16 A1CBH L . 11.20 10.55 30.07
C17 A1CBH L . 11.88 9.32 29.50
C18 A1CBH L . 13.41 6.44 28.67
C19 A1CBH L . 12.08 6.03 28.29
C20 A1CBH L . 11.92 4.75 28.70
N3 A1CBH L . 13.13 4.29 29.30
C21 A1CBH L . 13.40 2.97 29.85
C22 A1CBH L . 14.02 5.33 29.29
N4 A1CBH L . 15.27 5.33 29.80
C23 A1CBH L . 18.10 7.54 30.48
C24 A1CBH L . 23.53 9.01 30.87
C25 A1CBH L . 24.75 9.75 31.39
N5 A1CBH L . 23.43 10.17 33.38
C26 A1CBH L . 24.44 10.62 32.56
O3 A1CBH L . 25.03 11.66 32.81
ZN ZN M . 34.66 -2.97 20.47
ZN ZN N . 22.27 0.20 26.29
O1 A1CBH O . -10.91 3.97 -22.59
C1 A1CBH O . -11.52 3.86 -21.55
C2 A1CBH O . -12.91 3.28 -21.51
N1 A1CBH O . -13.05 2.27 -22.55
C3 A1CBH O . -13.88 2.40 -23.61
O2 A1CBH O . -14.66 3.35 -23.75
C4 A1CBH O . -12.19 1.09 -22.64
C5 A1CBH O . -12.72 0.40 -23.86
C6 A1CBH O . -13.70 1.20 -24.42
C7 A1CBH O . -14.36 0.79 -25.56
C8 A1CBH O . -14.04 -0.45 -26.10
C9 A1CBH O . -13.02 -1.24 -25.57
C10 A1CBH O . -12.72 -2.56 -26.18
C11 A1CBH O . -12.15 -3.62 -25.44
C12 A1CBH O . -11.94 -4.85 -26.04
C13 A1CBH O . -11.39 -6.01 -25.25
N2 A1CBH O . -9.94 -6.04 -25.14
C14 A1CBH O . -9.51 -7.10 -24.26
C15 A1CBH O . -8.05 -7.22 -24.56
C16 A1CBH O . -7.99 -6.98 -26.04
C17 A1CBH O . -9.31 -6.32 -26.40
C18 A1CBH O . -12.32 -4.98 -27.38
C19 A1CBH O . -12.27 -6.05 -28.33
C20 A1CBH O . -12.75 -5.55 -29.50
N3 A1CBH O . -13.18 -4.22 -29.31
C21 A1CBH O . -13.78 -3.33 -30.29
C22 A1CBH O . -12.86 -3.86 -28.04
N4 A1CBH O . -13.07 -2.68 -27.48
C23 A1CBH O . -12.37 -0.82 -24.40
C24 A1CBH O . -13.34 2.76 -20.14
C25 A1CBH O . -13.03 3.82 -19.09
N5 A1CBH O . -10.95 4.22 -20.34
C26 A1CBH O . -11.58 4.19 -19.10
O3 A1CBH O . -10.94 4.51 -18.10
ZN ZN P . -32.38 5.80 -17.96
ZN ZN Q . -21.62 0.85 -25.50
O1 A1CBH R . -32.28 -25.15 -6.23
C1 A1CBH R . -32.42 -24.43 -7.19
C2 A1CBH R . -32.18 -22.94 -7.11
N1 A1CBH R . -31.11 -22.68 -6.15
C3 A1CBH R . -31.29 -22.02 -5.00
O2 A1CBH R . -32.33 -21.49 -4.68
C4 A1CBH R . -29.77 -23.25 -6.28
C5 A1CBH R . -29.08 -22.73 -5.07
C6 A1CBH R . -29.98 -22.01 -4.32
C7 A1CBH R . -29.60 -21.42 -3.13
C8 A1CBH R . -28.29 -21.53 -2.73
C9 A1CBH R . -27.34 -22.22 -3.49
C10 A1CBH R . -25.93 -22.26 -3.03
C11 A1CBH R . -24.84 -22.52 -3.91
C12 A1CBH R . -23.53 -22.52 -3.43
C13 A1CBH R . -22.36 -22.81 -4.36
N2 A1CBH R . -22.15 -24.24 -4.55
C14 A1CBH R . -21.13 -24.53 -5.54
C15 A1CBH R . -20.68 -25.95 -5.23
C16 A1CBH R . -21.01 -26.16 -3.77
C17 A1CBH R . -21.68 -24.86 -3.32
C18 A1CBH R . -23.36 -22.23 -2.07
C19 A1CBH R . -22.21 -22.12 -1.21
C20 A1CBH R . -22.68 -21.82 0.03
N3 A1CBH R . -24.08 -21.68 -0.01
C21 A1CBH R . -24.98 -21.34 1.08
C22 A1CBH R . -24.49 -21.97 -1.29
N4 A1CBH R . -25.75 -21.95 -1.72
C23 A1CBH R . -27.75 -22.82 -4.69
C24 A1CBH R . -31.89 -22.32 -8.47
C25 A1CBH R . -32.94 -22.75 -9.48
N5 A1CBH R . -32.73 -24.95 -8.45
C26 A1CBH R . -33.03 -24.24 -9.59
O3 A1CBH R . -33.33 -24.81 -10.63
ZN ZN S . -39.32 -4.41 -8.03
ZN ZN T . -31.21 -14.40 -2.37
#